data_5ALC
#
_entry.id   5ALC
#
_cell.length_a   41.230
_cell.length_b   72.567
_cell.length_c   67.765
_cell.angle_alpha   90.00
_cell.angle_beta   98.92
_cell.angle_gamma   90.00
#
_symmetry.space_group_name_H-M   'P 1 21 1'
#
loop_
_entity.id
_entity.type
_entity.pdbx_description
1 polymer 'ANTI-TICAGRELOR FAB 72, HEAVY CHAIN'
2 polymer 'ANTI-TICAGRELOR FAB 72, LIGHT CHAIN'
3 non-polymer Ticagrelor
4 water water
#
loop_
_entity_poly.entity_id
_entity_poly.type
_entity_poly.pdbx_seq_one_letter_code
_entity_poly.pdbx_strand_id
1 'polypeptide(L)'
;QVQLQESGAEVKKPGSSVRVSCKASGGTFDSYSIHWVRQAPGQGLEWMGGIIPAFGTLSSAQDFQARVTISADKSTSTAY
MELSGLRSEDTAVYYCARGSHLYDFWSASHPPNDALAIWGQGTLVTVSSASTKGPSVFPLAPSSKSTSGGTAALGCLVKD
YFPEPVTVSWNSGALTSGVHTFPAVLQSSGLYSLSSVVTVPSSSLGTQTYICNVNHKPSNTKVDKRVEPKSDCK
;
H
2 'polypeptide(L)'
;QSVVTQPPSVSAAPGQKVTISCSGSNSDIGNNYVSWYQQLPGTAPKLLIYDNNKRPSGIPDRFSGSKSGTSATLAITGLQ
AGDEADYYCGTWDISLSAGLFGGGTKVTVLGQPKAAPSVTLFPPSSEELQANKATLVCLISDFYPGAVTVAWKADSSPVK
AGVETTTPSKQSNNKYAASSYLSLTPEQWKSHRSYSCQVTHEGSTVEKTVAPTECS
;
L
#
loop_
_chem_comp.id
_chem_comp.type
_chem_comp.name
_chem_comp.formula
TIQ non-polymer Ticagrelor 'C23 H28 F2 N6 O4 S'
#
# COMPACT_ATOMS: atom_id res chain seq x y z
N VAL A 2 -8.21 5.85 19.33
CA VAL A 2 -8.07 6.73 18.17
C VAL A 2 -7.62 5.96 16.91
N GLN A 3 -8.04 4.69 16.77
CA GLN A 3 -7.69 3.83 15.64
C GLN A 3 -8.91 3.13 15.07
N LEU A 4 -8.94 2.99 13.74
CA LEU A 4 -10.03 2.28 13.09
C LEU A 4 -9.42 1.01 12.54
N GLN A 5 -10.00 -0.14 12.90
CA GLN A 5 -9.44 -1.45 12.54
C GLN A 5 -10.27 -2.11 11.47
N GLU A 6 -9.56 -2.59 10.42
CA GLU A 6 -10.14 -3.26 9.26
C GLU A 6 -9.20 -4.39 8.87
N SER A 7 -9.75 -5.43 8.25
CA SER A 7 -9.01 -6.59 7.77
C SER A 7 -8.33 -6.37 6.41
N GLY A 8 -7.76 -7.46 5.88
CA GLY A 8 -7.06 -7.59 4.60
C GLY A 8 -7.73 -7.18 3.30
N ALA A 9 -8.78 -7.95 2.74
CA ALA A 9 -9.53 -9.08 3.37
C ALA A 9 -10.12 -10.24 2.49
N GLU A 10 -10.82 -10.08 1.27
CA GLU A 10 -11.31 -11.32 0.54
C GLU A 10 -11.74 -11.26 -1.01
N VAL A 11 -12.20 -12.48 -1.56
CA VAL A 11 -12.52 -12.85 -2.98
C VAL A 11 -13.99 -12.97 -3.34
N LYS A 12 -14.47 -12.20 -4.35
CA LYS A 12 -15.89 -12.23 -4.69
C LYS A 12 -16.19 -12.44 -6.17
N LYS A 13 -17.15 -13.32 -6.48
CA LYS A 13 -17.53 -13.54 -7.88
C LYS A 13 -18.38 -12.36 -8.37
N PRO A 14 -18.37 -12.01 -9.67
CA PRO A 14 -19.26 -10.92 -10.14
C PRO A 14 -20.70 -11.26 -9.74
N GLY A 15 -21.43 -10.26 -9.31
CA GLY A 15 -22.82 -10.43 -8.90
C GLY A 15 -23.03 -10.71 -7.42
N SER A 16 -21.98 -11.06 -6.66
CA SER A 16 -22.14 -11.33 -5.22
C SER A 16 -22.10 -10.00 -4.39
N SER A 17 -22.09 -10.10 -3.06
CA SER A 17 -22.02 -8.93 -2.19
C SER A 17 -20.90 -9.07 -1.14
N VAL A 18 -20.38 -7.93 -0.63
CA VAL A 18 -19.35 -7.86 0.43
C VAL A 18 -19.86 -7.02 1.53
N ARG A 19 -19.52 -7.39 2.76
CA ARG A 19 -19.76 -6.61 3.95
C ARG A 19 -18.36 -6.28 4.48
N VAL A 20 -18.01 -5.00 4.46
CA VAL A 20 -16.72 -4.53 4.96
C VAL A 20 -16.95 -4.04 6.40
N SER A 21 -16.06 -4.44 7.31
CA SER A 21 -16.15 -4.11 8.72
C SER A 21 -15.12 -3.04 9.08
N CYS A 22 -15.46 -2.21 10.07
CA CYS A 22 -14.65 -1.08 10.55
C CYS A 22 -14.87 -0.96 12.05
N LYS A 23 -13.88 -1.31 12.89
CA LYS A 23 -14.06 -1.27 14.36
C LYS A 23 -13.29 -0.11 15.03
N ALA A 24 -13.96 0.69 15.88
CA ALA A 24 -13.31 1.79 16.62
C ALA A 24 -12.58 1.18 17.80
N SER A 25 -11.31 1.59 18.02
CA SER A 25 -10.47 1.05 19.10
C SER A 25 -10.89 1.47 20.51
N GLY A 26 -11.34 2.73 20.67
CA GLY A 26 -11.72 3.31 21.97
C GLY A 26 -13.05 2.85 22.55
N GLY A 27 -13.72 1.93 21.85
CA GLY A 27 -15.02 1.39 22.25
C GLY A 27 -16.21 2.30 22.01
N THR A 28 -16.01 3.41 21.28
CA THR A 28 -17.11 4.35 20.95
C THR A 28 -16.89 5.09 19.66
N PHE A 29 -17.99 5.51 19.07
CA PHE A 29 -18.02 6.35 17.90
C PHE A 29 -18.29 7.76 18.40
N ASP A 30 -18.67 7.88 19.72
CA ASP A 30 -19.06 9.13 20.37
C ASP A 30 -20.16 9.76 19.48
N SER A 31 -20.07 11.06 19.16
CA SER A 31 -21.04 11.70 18.27
C SER A 31 -20.36 12.05 16.94
N TYR A 32 -19.32 11.26 16.58
CA TYR A 32 -18.59 11.42 15.33
C TYR A 32 -19.22 10.59 14.23
N SER A 33 -18.95 11.00 12.99
CA SER A 33 -19.40 10.29 11.80
C SER A 33 -18.41 9.21 11.37
N ILE A 34 -18.89 8.23 10.58
CA ILE A 34 -18.09 7.16 10.00
C ILE A 34 -18.41 7.14 8.52
N HIS A 35 -17.39 7.16 7.70
CA HIS A 35 -17.51 7.20 6.25
C HIS A 35 -16.76 6.07 5.58
N TRP A 36 -17.25 5.68 4.42
CA TRP A 36 -16.65 4.64 3.61
C TRP A 36 -16.20 5.27 2.34
N VAL A 37 -14.93 5.06 2.04
CA VAL A 37 -14.21 5.61 0.89
C VAL A 37 -13.48 4.49 0.17
N ARG A 38 -13.67 4.35 -1.16
CA ARG A 38 -12.96 3.32 -1.87
C ARG A 38 -11.92 3.86 -2.85
N GLN A 39 -10.99 2.99 -3.25
CA GLN A 39 -9.96 3.37 -4.18
C GLN A 39 -9.60 2.18 -5.01
N ALA A 40 -9.94 2.22 -6.32
CA ALA A 40 -9.54 1.16 -7.25
C ALA A 40 -7.99 1.27 -7.38
N PRO A 41 -7.29 0.11 -7.51
CA PRO A 41 -5.82 0.14 -7.63
C PRO A 41 -5.28 1.20 -8.58
N GLY A 42 -4.37 2.05 -8.07
CA GLY A 42 -3.77 3.12 -8.86
C GLY A 42 -4.69 4.27 -9.27
N GLN A 43 -5.90 4.32 -8.71
CA GLN A 43 -6.86 5.38 -9.06
C GLN A 43 -7.20 6.29 -7.87
N GLY A 44 -8.14 7.19 -8.04
CA GLY A 44 -8.50 8.17 -7.02
C GLY A 44 -9.42 7.66 -5.93
N LEU A 45 -9.69 8.54 -4.96
CA LEU A 45 -10.58 8.24 -3.85
C LEU A 45 -12.02 8.51 -4.28
N GLU A 46 -12.94 7.71 -3.78
CA GLU A 46 -14.37 7.80 -4.07
C GLU A 46 -15.22 7.52 -2.86
N TRP A 47 -16.00 8.52 -2.45
CA TRP A 47 -16.88 8.42 -1.29
C TRP A 47 -18.09 7.56 -1.61
N MET A 48 -18.39 6.62 -0.71
CA MET A 48 -19.50 5.68 -0.90
C MET A 48 -20.67 5.94 -0.01
N GLY A 49 -20.39 6.32 1.22
CA GLY A 49 -21.44 6.52 2.19
C GLY A 49 -20.93 6.88 3.56
N GLY A 50 -21.84 7.33 4.40
CA GLY A 50 -21.54 7.75 5.76
C GLY A 50 -22.71 7.65 6.69
N ILE A 51 -22.41 7.53 7.98
CA ILE A 51 -23.38 7.41 9.07
C ILE A 51 -22.85 8.14 10.33
N ILE A 52 -23.75 8.71 11.13
CA ILE A 52 -23.45 9.27 12.44
C ILE A 52 -24.12 8.25 13.38
N PRO A 53 -23.36 7.22 13.85
CA PRO A 53 -23.98 6.16 14.68
C PRO A 53 -24.82 6.64 15.86
N ALA A 54 -24.37 7.68 16.58
CA ALA A 54 -25.08 8.25 17.75
C ALA A 54 -26.51 8.65 17.41
N PHE A 55 -26.77 9.00 16.13
CA PHE A 55 -28.08 9.44 15.69
C PHE A 55 -28.78 8.49 14.69
N GLY A 56 -28.02 7.57 14.07
CA GLY A 56 -28.50 6.62 13.08
C GLY A 56 -28.67 7.24 11.70
N THR A 57 -28.34 8.53 11.57
CA THR A 57 -28.51 9.29 10.32
C THR A 57 -27.46 8.88 9.32
N LEU A 58 -27.90 8.47 8.11
CA LEU A 58 -26.97 7.98 7.09
C LEU A 58 -27.24 8.49 5.67
N SER A 59 -26.23 8.39 4.82
CA SER A 59 -26.35 8.79 3.41
C SER A 59 -25.40 7.96 2.57
N SER A 60 -25.78 7.70 1.33
CA SER A 60 -24.92 6.94 0.44
C SER A 60 -24.79 7.71 -0.84
N ALA A 61 -23.74 7.41 -1.63
CA ALA A 61 -23.49 8.08 -2.89
C ALA A 61 -24.58 7.67 -3.88
N GLN A 62 -25.10 8.66 -4.63
CA GLN A 62 -26.13 8.45 -5.64
C GLN A 62 -25.78 7.30 -6.58
N ASP A 63 -24.51 7.28 -7.05
CA ASP A 63 -23.92 6.25 -7.91
C ASP A 63 -23.96 4.82 -7.32
N PHE A 64 -24.34 4.69 -6.03
CA PHE A 64 -24.39 3.40 -5.33
C PHE A 64 -25.67 3.15 -4.54
N GLN A 65 -26.61 4.11 -4.52
CA GLN A 65 -27.90 4.05 -3.80
C GLN A 65 -28.66 2.70 -3.82
N ALA A 66 -28.74 2.03 -4.98
CA ALA A 66 -29.49 0.76 -4.99
C ALA A 66 -28.58 -0.46 -4.72
N ARG A 67 -27.28 -0.21 -4.48
CA ARG A 67 -26.27 -1.27 -4.27
C ARG A 67 -25.60 -1.24 -2.90
N VAL A 68 -25.64 -0.09 -2.20
CA VAL A 68 -24.96 0.17 -0.93
C VAL A 68 -25.90 0.29 0.26
N THR A 69 -25.56 -0.38 1.36
CA THR A 69 -26.25 -0.22 2.65
C THR A 69 -25.17 0.02 3.73
N ILE A 70 -25.36 1.03 4.57
CA ILE A 70 -24.42 1.37 5.64
C ILE A 70 -25.17 1.19 6.95
N SER A 71 -24.49 0.63 7.98
CA SER A 71 -25.07 0.47 9.31
C SER A 71 -23.96 0.53 10.37
N ALA A 72 -24.36 0.69 11.65
CA ALA A 72 -23.43 0.73 12.77
C ALA A 72 -23.90 -0.15 13.94
N ASP A 73 -22.99 -1.01 14.44
CA ASP A 73 -23.20 -1.90 15.58
C ASP A 73 -22.50 -1.33 16.83
N LYS A 74 -23.29 -0.66 17.68
CA LYS A 74 -22.88 -0.02 18.93
C LYS A 74 -22.21 -1.01 19.92
N SER A 75 -22.72 -2.26 19.99
CA SER A 75 -22.22 -3.31 20.88
C SER A 75 -20.73 -3.61 20.69
N THR A 76 -20.23 -3.52 19.45
CA THR A 76 -18.83 -3.83 19.18
C THR A 76 -18.14 -2.65 18.48
N SER A 77 -18.74 -1.44 18.61
CA SER A 77 -18.30 -0.19 17.99
C SER A 77 -17.76 -0.41 16.57
N THR A 78 -18.54 -1.17 15.78
CA THR A 78 -18.18 -1.53 14.40
C THR A 78 -19.21 -0.98 13.40
N ALA A 79 -18.71 -0.34 12.37
CA ALA A 79 -19.58 0.15 11.31
C ALA A 79 -19.43 -0.85 10.18
N TYR A 80 -20.47 -0.99 9.38
CA TYR A 80 -20.51 -1.92 8.25
C TYR A 80 -21.02 -1.24 7.00
N MET A 81 -20.44 -1.58 5.87
CA MET A 81 -20.93 -1.15 4.56
C MET A 81 -21.07 -2.44 3.75
N GLU A 82 -22.24 -2.59 3.12
CA GLU A 82 -22.52 -3.74 2.26
C GLU A 82 -22.76 -3.27 0.83
N LEU A 83 -21.92 -3.75 -0.10
CA LEU A 83 -21.96 -3.45 -1.51
C LEU A 83 -22.42 -4.70 -2.25
N SER A 84 -23.56 -4.60 -2.93
CA SER A 84 -24.16 -5.70 -3.69
C SER A 84 -23.89 -5.60 -5.17
N GLY A 85 -24.20 -6.68 -5.91
CA GLY A 85 -24.04 -6.73 -7.36
C GLY A 85 -22.63 -6.39 -7.82
N LEU A 86 -21.64 -7.00 -7.16
CA LEU A 86 -20.24 -6.71 -7.44
C LEU A 86 -19.83 -6.88 -8.91
N ARG A 87 -19.10 -5.94 -9.41
CA ARG A 87 -18.64 -5.90 -10.80
C ARG A 87 -17.12 -5.88 -10.76
N SER A 88 -16.47 -6.18 -11.90
CA SER A 88 -15.01 -6.19 -12.03
C SER A 88 -14.41 -4.88 -11.51
N GLU A 89 -15.07 -3.76 -11.86
CA GLU A 89 -14.74 -2.39 -11.47
C GLU A 89 -14.91 -2.12 -9.95
N ASP A 90 -15.46 -3.07 -9.19
CA ASP A 90 -15.60 -2.87 -7.74
C ASP A 90 -14.35 -3.35 -7.01
N THR A 91 -13.34 -3.91 -7.76
CA THR A 91 -12.08 -4.34 -7.15
C THR A 91 -11.43 -3.06 -6.66
N ALA A 92 -11.26 -2.97 -5.33
CA ALA A 92 -10.72 -1.75 -4.74
C ALA A 92 -10.43 -1.95 -3.28
N VAL A 93 -9.67 -1.02 -2.72
CA VAL A 93 -9.43 -1.00 -1.28
C VAL A 93 -10.60 -0.16 -0.72
N TYR A 94 -11.26 -0.69 0.30
CA TYR A 94 -12.42 -0.07 0.96
C TYR A 94 -11.98 0.44 2.32
N TYR A 95 -11.77 1.77 2.42
CA TYR A 95 -11.35 2.41 3.67
C TYR A 95 -12.52 2.89 4.50
N CYS A 96 -12.40 2.79 5.81
CA CYS A 96 -13.36 3.43 6.67
C CYS A 96 -12.63 4.59 7.36
N ALA A 97 -13.31 5.72 7.55
CA ALA A 97 -12.69 6.89 8.20
C ALA A 97 -13.63 7.53 9.19
N ARG A 98 -13.15 7.83 10.42
CA ARG A 98 -13.97 8.48 11.42
C ARG A 98 -13.83 9.99 11.25
N GLY A 99 -14.96 10.67 11.43
CA GLY A 99 -15.07 12.13 11.29
C GLY A 99 -14.33 12.95 12.34
N SER A 100 -14.25 14.26 12.11
CA SER A 100 -13.56 15.18 13.04
C SER A 100 -14.51 16.02 13.93
N HIS A 101 -15.75 16.22 13.47
CA HIS A 101 -16.80 17.04 14.11
C HIS A 101 -17.65 16.23 15.07
N LEU A 102 -17.93 16.80 16.28
CA LEU A 102 -18.83 16.16 17.25
C LEU A 102 -20.20 16.74 16.99
N TYR A 103 -21.12 15.91 16.46
CA TYR A 103 -22.46 16.36 16.10
C TYR A 103 -23.35 16.57 17.33
N PRO A 112 -21.09 22.78 10.05
CA PRO A 112 -20.84 21.35 9.86
C PRO A 112 -19.53 21.13 9.09
N ASN A 113 -18.42 21.56 9.71
CA ASN A 113 -17.08 21.53 9.12
C ASN A 113 -16.35 20.18 9.26
N ASP A 114 -17.11 19.06 9.30
CA ASP A 114 -16.60 17.70 9.45
C ASP A 114 -15.60 17.29 8.36
N ALA A 115 -14.61 16.45 8.73
CA ALA A 115 -13.60 15.90 7.81
C ALA A 115 -13.25 14.47 8.24
N LEU A 116 -12.56 13.73 7.36
CA LEU A 116 -12.20 12.33 7.65
C LEU A 116 -10.86 12.32 8.39
N ALA A 117 -10.93 12.23 9.71
CA ALA A 117 -9.76 12.39 10.58
C ALA A 117 -9.01 11.11 10.96
N ILE A 118 -9.69 9.98 11.16
CA ILE A 118 -8.99 8.76 11.54
C ILE A 118 -9.28 7.70 10.49
N TRP A 119 -8.26 7.22 9.81
CA TRP A 119 -8.45 6.26 8.71
C TRP A 119 -8.07 4.85 9.04
N GLY A 120 -8.86 3.90 8.53
CA GLY A 120 -8.51 2.49 8.63
C GLY A 120 -7.44 2.18 7.62
N GLN A 121 -6.83 0.98 7.71
CA GLN A 121 -5.78 0.51 6.81
C GLN A 121 -6.37 0.13 5.44
N GLY A 122 -7.69 -0.09 5.41
CA GLY A 122 -8.41 -0.45 4.18
C GLY A 122 -8.45 -1.92 3.91
N THR A 123 -9.58 -2.40 3.32
CA THR A 123 -9.71 -3.83 2.97
C THR A 123 -9.80 -3.99 1.48
N LEU A 124 -8.92 -4.82 0.90
CA LEU A 124 -8.93 -5.03 -0.54
C LEU A 124 -9.99 -6.07 -0.86
N VAL A 125 -10.93 -5.68 -1.72
CA VAL A 125 -11.99 -6.57 -2.20
C VAL A 125 -11.63 -6.83 -3.66
N THR A 126 -11.43 -8.09 -4.03
CA THR A 126 -11.10 -8.45 -5.39
C THR A 126 -12.36 -9.08 -6.02
N VAL A 127 -12.80 -8.60 -7.18
CA VAL A 127 -13.96 -9.18 -7.87
C VAL A 127 -13.42 -10.04 -9.01
N SER A 128 -13.55 -11.35 -8.89
CA SER A 128 -13.03 -12.29 -9.91
C SER A 128 -13.70 -13.67 -9.79
N SER A 129 -13.71 -14.43 -10.90
CA SER A 129 -14.28 -15.79 -10.89
C SER A 129 -13.21 -16.84 -10.51
N ALA A 130 -11.90 -16.46 -10.53
CA ALA A 130 -10.78 -17.32 -10.15
C ALA A 130 -10.86 -17.70 -8.66
N SER A 131 -10.42 -18.91 -8.32
CA SER A 131 -10.48 -19.47 -6.97
C SER A 131 -9.36 -18.97 -6.02
N THR A 132 -9.61 -19.03 -4.71
CA THR A 132 -8.66 -18.62 -3.68
C THR A 132 -7.52 -19.66 -3.59
N LYS A 133 -6.30 -19.22 -3.24
CA LYS A 133 -5.15 -20.12 -3.03
C LYS A 133 -4.25 -19.48 -1.97
N GLY A 134 -3.96 -20.23 -0.93
CA GLY A 134 -3.12 -19.76 0.16
C GLY A 134 -1.66 -19.77 -0.24
N PRO A 135 -0.80 -18.98 0.43
CA PRO A 135 0.61 -18.94 0.00
C PRO A 135 1.43 -20.11 0.52
N SER A 136 2.58 -20.36 -0.13
CA SER A 136 3.60 -21.29 0.29
C SER A 136 4.69 -20.35 0.80
N VAL A 137 5.17 -20.54 2.05
CA VAL A 137 6.16 -19.59 2.59
C VAL A 137 7.51 -20.28 2.74
N PHE A 138 8.58 -19.62 2.25
CA PHE A 138 9.93 -20.18 2.36
C PHE A 138 10.88 -19.19 2.99
N PRO A 139 11.87 -19.66 3.76
CA PRO A 139 12.86 -18.73 4.34
C PRO A 139 13.92 -18.28 3.32
N LEU A 140 14.41 -17.05 3.51
CA LEU A 140 15.52 -16.45 2.74
C LEU A 140 16.57 -16.31 3.82
N ALA A 141 17.30 -17.41 4.02
CA ALA A 141 18.24 -17.55 5.11
C ALA A 141 19.42 -16.59 5.00
N PRO A 142 19.83 -15.97 6.11
CA PRO A 142 21.03 -15.12 6.07
C PRO A 142 22.28 -16.01 6.00
N SER A 143 23.36 -15.48 5.41
CA SER A 143 24.66 -16.17 5.29
C SER A 143 25.71 -15.12 5.07
N SER A 144 26.99 -15.54 4.93
CA SER A 144 28.11 -14.65 4.62
C SER A 144 27.88 -13.94 3.29
N LYS A 145 27.10 -14.58 2.37
CA LYS A 145 26.74 -14.05 1.04
C LYS A 145 25.70 -12.90 1.13
N SER A 146 24.95 -12.83 2.23
CA SER A 146 23.94 -11.77 2.42
C SER A 146 24.34 -10.79 3.53
N THR A 151 26.10 -5.81 9.16
CA THR A 151 24.68 -6.13 9.01
C THR A 151 24.48 -7.30 8.05
N ALA A 152 23.37 -8.05 8.22
CA ALA A 152 23.01 -9.22 7.41
C ALA A 152 21.56 -9.11 6.95
N ALA A 153 21.27 -9.50 5.72
CA ALA A 153 19.92 -9.49 5.20
C ALA A 153 19.34 -10.91 5.30
N LEU A 154 18.07 -10.98 5.72
CA LEU A 154 17.34 -12.25 5.76
C LEU A 154 15.89 -11.95 5.38
N GLY A 155 15.11 -12.99 5.04
CA GLY A 155 13.71 -12.69 4.73
C GLY A 155 12.84 -13.91 4.55
N CYS A 156 11.66 -13.69 3.99
CA CYS A 156 10.73 -14.77 3.65
C CYS A 156 10.20 -14.55 2.25
N LEU A 157 10.11 -15.63 1.50
CA LEU A 157 9.52 -15.67 0.17
C LEU A 157 8.08 -16.22 0.36
N VAL A 158 7.09 -15.48 -0.13
CA VAL A 158 5.64 -15.78 -0.01
C VAL A 158 5.18 -16.02 -1.42
N LYS A 159 5.03 -17.28 -1.75
CA LYS A 159 4.78 -17.72 -3.10
C LYS A 159 3.36 -18.18 -3.43
N ASP A 160 2.94 -17.87 -4.66
CA ASP A 160 1.78 -18.39 -5.35
C ASP A 160 0.48 -18.37 -4.57
N TYR A 161 -0.01 -17.18 -4.30
CA TYR A 161 -1.28 -17.01 -3.59
C TYR A 161 -2.22 -16.18 -4.45
N PHE A 162 -3.52 -16.24 -4.12
CA PHE A 162 -4.54 -15.46 -4.82
C PHE A 162 -5.75 -15.35 -3.88
N PRO A 163 -6.44 -14.19 -3.82
CA PRO A 163 -6.10 -12.89 -4.45
C PRO A 163 -5.11 -12.16 -3.54
N GLU A 164 -4.80 -10.92 -3.85
CA GLU A 164 -4.01 -10.14 -2.91
C GLU A 164 -4.95 -9.74 -1.74
N PRO A 165 -4.46 -9.26 -0.59
CA PRO A 165 -3.07 -9.00 -0.23
C PRO A 165 -2.55 -10.05 0.76
N VAL A 166 -1.24 -9.97 1.00
CA VAL A 166 -0.54 -10.70 2.03
C VAL A 166 0.14 -9.60 2.82
N THR A 167 0.14 -9.72 4.15
CA THR A 167 0.86 -8.82 5.04
C THR A 167 1.89 -9.65 5.73
N VAL A 168 3.04 -9.02 6.03
CA VAL A 168 4.10 -9.73 6.72
C VAL A 168 4.55 -8.93 7.91
N SER A 169 4.63 -9.55 9.06
CA SER A 169 5.26 -8.94 10.23
C SER A 169 6.43 -9.83 10.63
N TRP A 170 7.31 -9.34 11.52
CA TRP A 170 8.48 -10.10 11.98
C TRP A 170 8.45 -10.13 13.50
N ASN A 171 8.66 -11.32 14.07
CA ASN A 171 8.67 -11.62 15.50
C ASN A 171 7.42 -11.05 16.19
N SER A 172 6.23 -11.29 15.55
CA SER A 172 4.91 -10.84 16.02
C SER A 172 4.86 -9.31 16.31
N GLY A 173 5.59 -8.56 15.49
CA GLY A 173 5.65 -7.10 15.57
C GLY A 173 6.78 -6.55 16.42
N ALA A 174 7.63 -7.43 17.01
CA ALA A 174 8.76 -6.98 17.84
C ALA A 174 9.94 -6.47 17.00
N LEU A 175 9.93 -6.77 15.68
CA LEU A 175 10.97 -6.35 14.76
C LEU A 175 10.35 -5.49 13.65
N THR A 176 10.63 -4.18 13.67
CA THR A 176 10.10 -3.25 12.67
C THR A 176 11.21 -2.52 11.95
N SER A 177 12.31 -2.25 12.66
CA SER A 177 13.45 -1.54 12.09
C SER A 177 14.14 -2.42 11.03
N GLY A 178 14.37 -1.82 9.87
CA GLY A 178 15.05 -2.44 8.74
C GLY A 178 14.19 -3.37 7.89
N VAL A 179 12.89 -3.43 8.17
CA VAL A 179 11.96 -4.32 7.44
C VAL A 179 11.53 -3.65 6.13
N HIS A 180 11.58 -4.39 5.03
CA HIS A 180 11.04 -3.88 3.78
C HIS A 180 10.20 -4.97 3.16
N THR A 181 8.88 -4.78 3.05
CA THR A 181 8.03 -5.78 2.39
C THR A 181 7.77 -5.23 1.00
N PHE A 182 8.14 -6.02 0.00
CA PHE A 182 7.98 -5.62 -1.38
C PHE A 182 6.55 -5.76 -1.84
N PRO A 183 6.14 -5.00 -2.88
CA PRO A 183 4.84 -5.29 -3.49
C PRO A 183 4.91 -6.67 -4.14
N ALA A 184 3.75 -7.24 -4.45
CA ALA A 184 3.71 -8.55 -5.05
C ALA A 184 3.95 -8.44 -6.54
N VAL A 185 4.36 -9.55 -7.12
CA VAL A 185 4.52 -9.70 -8.54
C VAL A 185 3.38 -10.62 -8.96
N LEU A 186 2.74 -10.28 -10.08
CA LEU A 186 1.67 -11.11 -10.66
C LEU A 186 2.30 -11.93 -11.79
N GLN A 187 2.40 -13.24 -11.56
CA GLN A 187 2.99 -14.21 -12.48
C GLN A 187 2.02 -14.57 -13.62
N SER A 188 2.53 -15.28 -14.66
CA SER A 188 1.78 -15.76 -15.83
C SER A 188 0.63 -16.67 -15.41
N SER A 189 0.86 -17.51 -14.39
CA SER A 189 -0.10 -18.45 -13.79
C SER A 189 -1.35 -17.78 -13.21
N GLY A 190 -1.28 -16.48 -12.96
CA GLY A 190 -2.36 -15.70 -12.37
C GLY A 190 -2.26 -15.61 -10.87
N LEU A 191 -1.19 -16.20 -10.30
CA LEU A 191 -0.93 -16.17 -8.86
C LEU A 191 0.12 -15.11 -8.51
N TYR A 192 0.04 -14.59 -7.27
CA TYR A 192 0.98 -13.58 -6.82
C TYR A 192 2.10 -14.17 -6.01
N SER A 193 3.19 -13.42 -5.94
CA SER A 193 4.30 -13.76 -5.04
C SER A 193 4.91 -12.52 -4.50
N LEU A 194 5.40 -12.56 -3.25
CA LEU A 194 6.12 -11.42 -2.72
C LEU A 194 7.23 -11.85 -1.79
N SER A 195 8.10 -10.90 -1.39
CA SER A 195 9.11 -11.23 -0.39
C SER A 195 9.14 -10.10 0.64
N SER A 196 9.54 -10.44 1.87
CA SER A 196 9.71 -9.46 2.96
C SER A 196 11.11 -9.67 3.45
N VAL A 197 11.88 -8.59 3.56
CA VAL A 197 13.26 -8.75 3.95
C VAL A 197 13.57 -7.83 5.10
N VAL A 198 14.55 -8.19 5.91
CA VAL A 198 14.95 -7.37 7.03
C VAL A 198 16.48 -7.37 7.15
N THR A 199 17.05 -6.20 7.44
CA THR A 199 18.50 -6.05 7.62
C THR A 199 18.69 -6.02 9.13
N VAL A 200 19.58 -6.84 9.67
CA VAL A 200 19.77 -6.92 11.12
C VAL A 200 21.27 -6.85 11.50
N PRO A 201 21.65 -6.52 12.77
CA PRO A 201 23.08 -6.60 13.11
C PRO A 201 23.48 -8.07 13.00
N SER A 202 24.58 -8.35 12.27
CA SER A 202 25.15 -9.70 12.05
C SER A 202 25.27 -10.54 13.33
N SER A 203 25.58 -9.90 14.48
CA SER A 203 25.71 -10.52 15.79
C SER A 203 24.38 -11.04 16.31
N SER A 204 23.25 -10.37 15.96
CA SER A 204 21.93 -10.81 16.39
C SER A 204 21.56 -12.19 15.84
N LEU A 205 22.23 -12.63 14.74
CA LEU A 205 22.00 -13.95 14.13
C LEU A 205 22.31 -15.13 15.08
N GLY A 206 23.15 -14.90 16.07
CA GLY A 206 23.50 -15.91 17.07
C GLY A 206 22.88 -15.69 18.43
N THR A 207 22.08 -14.60 18.60
CA THR A 207 21.47 -14.26 19.91
C THR A 207 19.94 -14.31 19.93
N GLN A 208 19.29 -14.24 18.75
CA GLN A 208 17.84 -14.29 18.68
C GLN A 208 17.35 -15.06 17.46
N THR A 209 16.07 -15.42 17.49
CA THR A 209 15.37 -16.16 16.44
C THR A 209 14.64 -15.15 15.57
N TYR A 210 14.34 -15.52 14.31
CA TYR A 210 13.65 -14.61 13.37
C TYR A 210 12.51 -15.42 12.78
N ILE A 211 11.29 -14.92 12.95
CA ILE A 211 10.09 -15.60 12.47
C ILE A 211 9.33 -14.60 11.66
N CYS A 212 8.98 -14.94 10.41
CA CYS A 212 8.14 -14.02 9.68
C CYS A 212 6.72 -14.55 9.81
N ASN A 213 5.81 -13.63 10.11
CA ASN A 213 4.39 -13.95 10.31
C ASN A 213 3.64 -13.45 9.10
N VAL A 214 3.21 -14.38 8.28
CA VAL A 214 2.54 -14.10 7.01
C VAL A 214 1.02 -14.28 7.18
N ASN A 215 0.26 -13.25 6.87
CA ASN A 215 -1.18 -13.28 6.96
C ASN A 215 -1.79 -13.18 5.54
N HIS A 216 -2.64 -14.16 5.18
CA HIS A 216 -3.36 -14.12 3.91
C HIS A 216 -4.86 -14.22 4.26
N LYS A 217 -5.42 -13.07 4.67
CA LYS A 217 -6.82 -12.97 5.11
C LYS A 217 -7.82 -13.54 4.06
N PRO A 218 -7.64 -13.32 2.73
CA PRO A 218 -8.58 -13.95 1.77
C PRO A 218 -8.73 -15.47 1.84
N SER A 219 -7.70 -16.22 2.32
CA SER A 219 -7.84 -17.67 2.47
C SER A 219 -7.93 -18.02 3.95
N ASN A 220 -8.01 -16.98 4.82
CA ASN A 220 -8.04 -17.14 6.30
C ASN A 220 -6.86 -17.98 6.78
N THR A 221 -5.66 -17.73 6.21
CA THR A 221 -4.45 -18.50 6.53
C THR A 221 -3.44 -17.58 7.15
N LYS A 222 -2.74 -18.06 8.18
CA LYS A 222 -1.59 -17.38 8.78
C LYS A 222 -0.45 -18.42 8.81
N VAL A 223 0.77 -18.03 8.39
CA VAL A 223 1.92 -18.95 8.46
C VAL A 223 3.02 -18.23 9.27
N ASP A 224 3.57 -18.90 10.29
CA ASP A 224 4.69 -18.37 11.08
C ASP A 224 5.90 -19.19 10.70
N LYS A 225 6.76 -18.59 9.87
CA LYS A 225 7.90 -19.29 9.31
C LYS A 225 9.26 -18.95 9.96
N ARG A 226 9.91 -19.96 10.57
CA ARG A 226 11.23 -19.75 11.19
C ARG A 226 12.29 -19.50 10.08
N VAL A 227 13.13 -18.48 10.24
CA VAL A 227 14.20 -18.15 9.27
C VAL A 227 15.52 -18.32 10.02
N GLU A 228 16.24 -19.42 9.74
CA GLU A 228 17.50 -19.78 10.40
C GLU A 228 18.72 -19.51 9.53
N PRO A 229 19.87 -19.13 10.13
CA PRO A 229 21.10 -18.96 9.30
C PRO A 229 21.64 -20.29 8.78
N VAL B 3 -18.02 18.29 -10.68
CA VAL B 3 -16.82 17.51 -10.38
C VAL B 3 -15.73 18.45 -9.87
N VAL B 4 -15.11 18.11 -8.72
CA VAL B 4 -14.03 18.91 -8.15
C VAL B 4 -12.75 18.52 -8.87
N THR B 5 -12.00 19.51 -9.40
CA THR B 5 -10.79 19.23 -10.14
C THR B 5 -9.52 19.78 -9.50
N GLN B 6 -8.41 19.10 -9.78
CA GLN B 6 -7.07 19.39 -9.32
C GLN B 6 -6.12 19.08 -10.47
N PRO B 7 -4.92 19.72 -10.54
CA PRO B 7 -3.96 19.31 -11.56
C PRO B 7 -3.48 17.88 -11.29
N PRO B 8 -3.19 17.06 -12.30
CA PRO B 8 -2.78 15.68 -12.00
C PRO B 8 -1.42 15.59 -11.31
N SER B 9 -0.54 16.61 -11.52
CA SER B 9 0.83 16.66 -10.97
C SER B 9 1.39 18.06 -10.69
N VAL B 10 2.41 18.14 -9.80
CA VAL B 10 3.12 19.37 -9.45
C VAL B 10 4.54 18.96 -9.04
N SER B 11 5.52 19.82 -9.36
CA SER B 11 6.91 19.49 -9.07
C SER B 11 7.74 20.69 -8.65
N ALA B 12 8.71 20.43 -7.78
CA ALA B 12 9.67 21.39 -7.26
C ALA B 12 10.88 20.63 -6.71
N ALA B 13 11.97 21.34 -6.48
CA ALA B 13 13.20 20.79 -5.94
C ALA B 13 13.10 20.78 -4.39
N PRO B 14 14.01 20.11 -3.65
CA PRO B 14 13.88 20.13 -2.19
C PRO B 14 14.03 21.54 -1.60
N GLY B 15 13.27 21.83 -0.54
CA GLY B 15 13.25 23.12 0.16
C GLY B 15 12.35 24.17 -0.47
N GLN B 16 11.82 23.88 -1.67
CA GLN B 16 10.97 24.79 -2.44
C GLN B 16 9.49 24.74 -2.04
N LYS B 17 8.73 25.79 -2.41
CA LYS B 17 7.31 25.88 -2.10
C LYS B 17 6.48 25.37 -3.26
N VAL B 18 5.51 24.55 -2.93
CA VAL B 18 4.60 23.96 -3.88
C VAL B 18 3.16 24.29 -3.47
N THR B 19 2.30 24.46 -4.44
CA THR B 19 0.92 24.79 -4.12
C THR B 19 0.01 23.86 -4.94
N ILE B 20 -1.17 23.48 -4.41
CA ILE B 20 -2.13 22.59 -5.08
C ILE B 20 -3.50 23.21 -4.88
N SER B 21 -4.18 23.57 -5.98
CA SER B 21 -5.53 24.12 -5.93
C SER B 21 -6.58 23.10 -6.40
N CYS B 22 -7.72 23.17 -5.73
CA CYS B 22 -8.92 22.37 -5.84
C CYS B 22 -9.99 23.36 -6.40
N SER B 23 -10.63 23.03 -7.54
CA SER B 23 -11.67 23.88 -8.13
C SER B 23 -13.01 23.14 -8.18
N GLY B 24 -14.04 23.71 -7.53
CA GLY B 24 -15.37 23.10 -7.47
C GLY B 24 -16.49 24.03 -7.86
N SER B 25 -17.69 23.81 -7.31
CA SER B 25 -18.86 24.63 -7.62
C SER B 25 -19.45 25.28 -6.38
N ASN B 26 -20.50 26.12 -6.57
CA ASN B 26 -21.18 26.79 -5.47
C ASN B 26 -21.91 25.77 -4.59
N SER B 27 -22.32 24.63 -5.20
CA SER B 27 -22.99 23.54 -4.51
C SER B 27 -22.08 22.76 -3.53
N ASP B 28 -20.75 22.74 -3.76
CA ASP B 28 -19.81 21.98 -2.90
C ASP B 28 -18.80 22.88 -2.16
N ILE B 29 -17.64 23.22 -2.77
CA ILE B 29 -16.61 24.07 -2.13
C ILE B 29 -17.19 25.46 -1.78
N GLY B 30 -17.93 26.05 -2.75
CA GLY B 30 -18.56 27.37 -2.63
C GLY B 30 -19.36 27.60 -1.37
N ASN B 31 -20.16 26.58 -0.96
CA ASN B 31 -20.98 26.69 0.26
C ASN B 31 -20.57 25.72 1.39
N ASN B 32 -19.39 25.08 1.28
CA ASN B 32 -18.97 24.17 2.34
C ASN B 32 -17.52 24.47 2.79
N TYR B 33 -16.82 23.44 3.26
CA TYR B 33 -15.48 23.53 3.80
C TYR B 33 -14.62 22.52 3.08
N VAL B 34 -13.35 22.80 2.96
CA VAL B 34 -12.46 21.88 2.27
C VAL B 34 -11.46 21.24 3.24
N SER B 35 -11.19 19.95 3.06
CA SER B 35 -10.20 19.21 3.82
C SER B 35 -9.20 18.66 2.80
N TRP B 36 -8.00 18.35 3.27
CA TRP B 36 -6.93 17.88 2.37
C TRP B 36 -6.36 16.63 2.96
N TYR B 37 -6.03 15.64 2.08
CA TYR B 37 -5.56 14.32 2.45
C TYR B 37 -4.27 13.96 1.76
N GLN B 38 -3.33 13.39 2.52
CA GLN B 38 -2.06 12.94 1.97
C GLN B 38 -2.04 11.43 1.88
N GLN B 39 -1.64 10.92 0.71
CA GLN B 39 -1.54 9.47 0.50
C GLN B 39 -0.15 9.13 0.04
N LEU B 40 0.71 8.77 1.00
CA LEU B 40 2.10 8.33 0.74
C LEU B 40 2.01 6.98 0.01
N PRO B 41 2.99 6.59 -0.85
CA PRO B 41 2.83 5.31 -1.59
C PRO B 41 2.63 4.09 -0.70
N GLY B 42 1.66 3.25 -1.08
CA GLY B 42 1.28 2.03 -0.37
C GLY B 42 0.69 2.22 1.00
N THR B 43 0.11 3.41 1.29
CA THR B 43 -0.47 3.69 2.61
C THR B 43 -1.91 4.20 2.49
N ALA B 44 -2.62 4.25 3.63
CA ALA B 44 -3.96 4.81 3.72
C ALA B 44 -3.83 6.34 3.63
N PRO B 45 -4.87 7.06 3.13
CA PRO B 45 -4.84 8.52 3.21
C PRO B 45 -4.77 9.03 4.66
N LYS B 46 -4.23 10.23 4.84
CA LYS B 46 -4.07 10.90 6.15
C LYS B 46 -4.59 12.33 6.03
N LEU B 47 -5.32 12.78 7.05
CA LEU B 47 -5.85 14.15 7.06
C LEU B 47 -4.73 15.15 7.32
N LEU B 48 -4.56 16.11 6.40
CA LEU B 48 -3.54 17.16 6.52
C LEU B 48 -4.18 18.43 7.01
N ILE B 49 -5.31 18.83 6.41
CA ILE B 49 -5.98 20.11 6.70
C ILE B 49 -7.45 19.87 6.74
N TYR B 50 -8.17 20.49 7.71
CA TYR B 50 -9.62 20.40 7.75
C TYR B 50 -10.20 21.79 8.02
N ASP B 51 -11.51 21.99 7.80
CA ASP B 51 -12.18 23.29 8.03
C ASP B 51 -11.40 24.41 7.33
N ASN B 52 -10.94 24.11 6.08
CA ASN B 52 -10.18 24.99 5.19
C ASN B 52 -8.73 25.23 5.53
N ASN B 53 -8.41 25.48 6.80
CA ASN B 53 -7.05 25.89 7.14
C ASN B 53 -6.52 25.37 8.46
N LYS B 54 -7.22 24.42 9.10
CA LYS B 54 -6.79 23.89 10.38
C LYS B 54 -5.97 22.61 10.22
N ARG B 55 -4.87 22.54 10.95
CA ARG B 55 -4.01 21.37 10.94
C ARG B 55 -4.34 20.45 12.13
N PRO B 56 -4.53 19.12 11.94
CA PRO B 56 -4.62 18.23 13.10
C PRO B 56 -3.26 18.23 13.81
N SER B 57 -3.25 17.91 15.13
CA SER B 57 -2.01 17.83 15.91
C SER B 57 -1.10 16.76 15.28
N GLY B 58 0.18 17.08 15.16
CA GLY B 58 1.17 16.18 14.59
C GLY B 58 1.47 16.44 13.13
N ILE B 59 0.59 17.17 12.43
CA ILE B 59 0.82 17.49 11.02
C ILE B 59 1.84 18.62 10.90
N PRO B 60 2.95 18.45 10.14
CA PRO B 60 3.93 19.55 10.00
C PRO B 60 3.31 20.90 9.62
N ASP B 61 3.80 22.01 10.22
CA ASP B 61 3.28 23.35 9.93
C ASP B 61 3.67 23.87 8.51
N ARG B 62 4.43 23.06 7.74
CA ARG B 62 4.82 23.35 6.36
C ARG B 62 3.56 23.24 5.46
N PHE B 63 2.55 22.56 5.98
CA PHE B 63 1.27 22.39 5.30
C PHE B 63 0.29 23.47 5.74
N SER B 64 -0.30 24.17 4.78
CA SER B 64 -1.31 25.18 5.11
C SER B 64 -2.41 25.18 4.08
N GLY B 65 -3.58 25.66 4.47
CA GLY B 65 -4.72 25.68 3.57
C GLY B 65 -5.41 27.02 3.51
N SER B 66 -6.09 27.28 2.39
CA SER B 66 -6.89 28.50 2.22
C SER B 66 -8.08 28.17 1.30
N LYS B 67 -9.14 28.98 1.35
CA LYS B 67 -10.34 28.73 0.56
C LYS B 67 -10.99 30.03 0.15
N SER B 68 -11.18 30.22 -1.16
CA SER B 68 -11.78 31.41 -1.76
C SER B 68 -12.88 31.02 -2.73
N GLY B 69 -14.11 31.39 -2.40
CA GLY B 69 -15.28 31.11 -3.23
C GLY B 69 -15.42 29.63 -3.53
N THR B 70 -15.30 29.25 -4.81
CA THR B 70 -15.39 27.86 -5.26
C THR B 70 -13.99 27.19 -5.38
N SER B 71 -12.93 27.84 -4.89
CA SER B 71 -11.56 27.30 -4.96
C SER B 71 -10.92 27.11 -3.60
N ALA B 72 -9.98 26.15 -3.50
CA ALA B 72 -9.24 25.92 -2.26
C ALA B 72 -7.79 25.59 -2.62
N THR B 73 -6.84 25.96 -1.76
CA THR B 73 -5.40 25.71 -2.01
C THR B 73 -4.65 25.13 -0.82
N LEU B 74 -3.84 24.09 -1.08
CA LEU B 74 -2.95 23.49 -0.09
C LEU B 74 -1.57 23.98 -0.47
N ALA B 75 -0.83 24.50 0.50
CA ALA B 75 0.52 24.99 0.21
C ALA B 75 1.48 24.14 1.03
N ILE B 76 2.59 23.73 0.40
CA ILE B 76 3.64 22.94 1.04
C ILE B 76 4.93 23.71 0.94
N THR B 77 5.43 24.21 2.09
CA THR B 77 6.71 24.95 2.08
C THR B 77 7.83 23.96 2.48
N GLY B 78 9.08 24.28 2.11
CA GLY B 78 10.27 23.48 2.41
C GLY B 78 10.10 22.02 2.06
N LEU B 79 9.67 21.76 0.81
CA LEU B 79 9.38 20.44 0.26
C LEU B 79 10.49 19.45 0.56
N GLN B 80 10.14 18.28 1.09
CA GLN B 80 11.10 17.22 1.42
C GLN B 80 10.78 16.03 0.52
N ALA B 81 11.73 15.08 0.35
CA ALA B 81 11.52 13.84 -0.44
C ALA B 81 10.34 13.06 0.13
N GLY B 82 10.20 13.09 1.44
CA GLY B 82 9.14 12.45 2.20
C GLY B 82 7.74 13.03 2.00
N ASP B 83 7.62 14.11 1.21
CA ASP B 83 6.36 14.76 0.83
C ASP B 83 5.90 14.24 -0.55
N GLU B 84 6.71 13.37 -1.21
CA GLU B 84 6.28 12.78 -2.48
C GLU B 84 5.12 11.86 -2.17
N ALA B 85 3.94 12.20 -2.74
CA ALA B 85 2.68 11.51 -2.48
C ALA B 85 1.59 12.09 -3.36
N ASP B 86 0.39 11.52 -3.24
CA ASP B 86 -0.82 11.99 -3.88
C ASP B 86 -1.60 12.77 -2.85
N TYR B 87 -2.05 13.97 -3.23
CA TYR B 87 -2.84 14.83 -2.37
C TYR B 87 -4.23 15.03 -2.97
N TYR B 88 -5.25 14.87 -2.13
CA TYR B 88 -6.63 15.03 -2.51
C TYR B 88 -7.33 16.07 -1.65
N CYS B 89 -8.18 16.89 -2.29
CA CYS B 89 -9.03 17.79 -1.52
C CYS B 89 -10.33 17.05 -1.37
N GLY B 90 -11.03 17.32 -0.28
CA GLY B 90 -12.30 16.69 0.04
C GLY B 90 -13.31 17.72 0.45
N THR B 91 -14.58 17.52 0.08
CA THR B 91 -15.64 18.46 0.45
C THR B 91 -16.99 17.74 0.59
N TRP B 92 -18.00 18.45 1.08
CA TRP B 92 -19.33 17.89 1.30
C TRP B 92 -20.33 18.73 0.56
N ASP B 93 -21.18 18.11 -0.25
CA ASP B 93 -22.18 18.94 -0.89
C ASP B 93 -23.52 18.59 -0.23
N ILE B 94 -23.96 19.52 0.66
CA ILE B 94 -25.14 19.39 1.53
C ILE B 94 -26.43 19.14 0.72
N SER B 95 -26.60 19.76 -0.47
CA SER B 95 -27.79 19.51 -1.28
C SER B 95 -27.87 18.05 -1.76
N LEU B 96 -26.71 17.37 -1.96
CA LEU B 96 -26.71 15.97 -2.37
C LEU B 96 -26.45 15.05 -1.18
N SER B 97 -26.03 15.61 -0.01
CA SER B 97 -25.64 14.94 1.23
C SER B 97 -24.60 13.87 0.86
N ALA B 98 -23.54 14.32 0.16
CA ALA B 98 -22.50 13.42 -0.33
C ALA B 98 -21.13 14.06 -0.27
N GLY B 99 -20.12 13.23 0.02
CA GLY B 99 -18.71 13.60 0.06
C GLY B 99 -18.13 13.56 -1.33
N LEU B 100 -17.28 14.54 -1.64
CA LEU B 100 -16.67 14.62 -2.95
C LEU B 100 -15.18 14.79 -2.81
N PHE B 101 -14.41 14.17 -3.71
CA PHE B 101 -12.97 14.30 -3.76
C PHE B 101 -12.52 14.86 -5.08
N GLY B 102 -11.44 15.63 -5.07
CA GLY B 102 -10.75 16.07 -6.27
C GLY B 102 -10.07 14.82 -6.86
N GLY B 103 -9.58 14.92 -8.10
CA GLY B 103 -8.94 13.77 -8.76
C GLY B 103 -7.59 13.33 -8.18
N GLY B 104 -6.98 14.16 -7.34
CA GLY B 104 -5.67 13.89 -6.77
C GLY B 104 -4.54 14.55 -7.54
N THR B 105 -3.52 15.06 -6.81
CA THR B 105 -2.35 15.69 -7.42
C THR B 105 -1.13 14.94 -6.93
N LYS B 106 -0.33 14.41 -7.87
CA LYS B 106 0.90 13.70 -7.53
C LYS B 106 2.04 14.72 -7.38
N VAL B 107 2.64 14.77 -6.18
CA VAL B 107 3.79 15.64 -5.94
C VAL B 107 5.08 14.86 -6.17
N THR B 108 5.94 15.40 -7.04
CA THR B 108 7.28 14.85 -7.32
C THR B 108 8.30 15.86 -6.84
N VAL B 109 9.31 15.39 -6.11
CA VAL B 109 10.40 16.22 -5.64
C VAL B 109 11.58 15.96 -6.59
N LEU B 110 11.84 16.93 -7.49
CA LEU B 110 12.91 16.87 -8.50
C LEU B 110 14.30 17.13 -7.92
N GLY B 111 15.33 16.72 -8.68
CA GLY B 111 16.73 16.89 -8.31
C GLY B 111 17.18 16.29 -6.99
N GLN B 112 16.66 15.09 -6.60
CA GLN B 112 17.14 14.44 -5.38
C GLN B 112 18.52 13.77 -5.68
N PRO B 113 19.38 13.53 -4.68
CA PRO B 113 20.71 12.99 -4.99
C PRO B 113 20.70 11.55 -5.50
N LYS B 114 21.48 11.30 -6.55
CA LYS B 114 21.55 9.98 -7.19
C LYS B 114 22.24 8.99 -6.28
N ALA B 115 21.84 7.71 -6.39
CA ALA B 115 22.49 6.67 -5.59
C ALA B 115 22.45 5.37 -6.36
N ALA B 116 23.60 4.74 -6.55
CA ALA B 116 23.69 3.49 -7.27
C ALA B 116 23.11 2.34 -6.42
N PRO B 117 22.52 1.30 -7.05
CA PRO B 117 21.90 0.23 -6.26
C PRO B 117 22.86 -0.77 -5.63
N SER B 118 22.47 -1.38 -4.50
CA SER B 118 23.21 -2.51 -3.97
C SER B 118 22.34 -3.72 -4.39
N VAL B 119 22.98 -4.88 -4.59
CA VAL B 119 22.25 -6.04 -5.08
C VAL B 119 22.55 -7.21 -4.14
N THR B 120 21.50 -7.90 -3.67
CA THR B 120 21.62 -9.03 -2.75
C THR B 120 20.91 -10.21 -3.45
N LEU B 121 21.54 -11.38 -3.53
CA LEU B 121 20.95 -12.46 -4.27
C LEU B 121 20.85 -13.70 -3.39
N PHE B 122 19.63 -14.22 -3.18
CA PHE B 122 19.41 -15.43 -2.39
C PHE B 122 19.18 -16.62 -3.31
N PRO B 123 19.84 -17.74 -3.05
CA PRO B 123 19.60 -18.94 -3.87
C PRO B 123 18.32 -19.64 -3.34
N PRO B 124 17.79 -20.70 -4.02
CA PRO B 124 16.60 -21.38 -3.46
C PRO B 124 16.87 -21.97 -2.07
N SER B 125 15.84 -21.98 -1.21
CA SER B 125 15.94 -22.56 0.12
C SER B 125 15.88 -24.12 -0.03
N SER B 126 16.50 -24.84 0.93
CA SER B 126 16.42 -26.30 0.95
C SER B 126 14.93 -26.74 1.03
N GLU B 127 14.07 -25.98 1.76
CA GLU B 127 12.64 -26.30 1.84
C GLU B 127 11.93 -26.26 0.48
N GLU B 128 12.18 -25.19 -0.29
CA GLU B 128 11.57 -25.10 -1.61
C GLU B 128 12.10 -26.20 -2.52
N LEU B 129 13.41 -26.48 -2.44
CA LEU B 129 14.04 -27.53 -3.28
C LEU B 129 13.45 -28.88 -2.98
N GLN B 130 13.15 -29.12 -1.71
CA GLN B 130 12.50 -30.38 -1.25
C GLN B 130 11.06 -30.49 -1.72
N ALA B 131 10.44 -29.34 -2.08
CA ALA B 131 9.08 -29.21 -2.60
C ALA B 131 9.12 -29.23 -4.15
N ASN B 132 10.28 -29.60 -4.73
CA ASN B 132 10.59 -29.70 -6.17
C ASN B 132 10.34 -28.40 -6.92
N LYS B 133 10.81 -27.30 -6.34
CA LYS B 133 10.69 -25.98 -6.98
C LYS B 133 11.98 -25.25 -6.71
N ALA B 134 12.29 -24.23 -7.49
CA ALA B 134 13.54 -23.49 -7.25
C ALA B 134 13.35 -22.05 -7.68
N THR B 135 13.48 -21.10 -6.72
CA THR B 135 13.31 -19.67 -7.00
C THR B 135 14.50 -18.90 -6.44
N LEU B 136 15.18 -18.11 -7.28
CA LEU B 136 16.24 -17.21 -6.85
C LEU B 136 15.59 -15.86 -6.60
N VAL B 137 16.03 -15.14 -5.56
CA VAL B 137 15.43 -13.85 -5.20
C VAL B 137 16.54 -12.79 -5.20
N CYS B 138 16.38 -11.83 -6.08
CA CYS B 138 17.32 -10.74 -6.19
C CYS B 138 16.69 -9.50 -5.59
N LEU B 139 17.35 -8.89 -4.58
CA LEU B 139 16.85 -7.67 -3.96
C LEU B 139 17.76 -6.52 -4.31
N ILE B 140 17.16 -5.47 -4.83
CA ILE B 140 17.85 -4.26 -5.30
C ILE B 140 17.48 -3.17 -4.32
N SER B 141 18.47 -2.50 -3.72
CA SER B 141 18.12 -1.51 -2.71
C SER B 141 18.94 -0.25 -2.77
N ASP B 142 18.49 0.77 -2.04
CA ASP B 142 19.19 2.04 -1.81
C ASP B 142 19.53 2.81 -3.07
N PHE B 143 18.65 2.80 -4.08
CA PHE B 143 18.93 3.53 -5.30
C PHE B 143 17.98 4.70 -5.57
N TYR B 144 18.49 5.67 -6.34
CA TYR B 144 17.73 6.85 -6.76
C TYR B 144 18.37 7.36 -8.05
N PRO B 145 17.59 7.69 -9.11
CA PRO B 145 16.10 7.62 -9.21
C PRO B 145 15.56 6.19 -9.21
N GLY B 146 14.24 6.08 -9.00
CA GLY B 146 13.57 4.80 -8.86
C GLY B 146 13.23 4.11 -10.16
N ALA B 147 14.25 3.82 -10.95
CA ALA B 147 14.10 3.12 -12.22
C ALA B 147 15.31 2.25 -12.47
N VAL B 148 15.07 0.96 -12.69
CA VAL B 148 16.13 -0.03 -12.97
C VAL B 148 15.64 -1.02 -14.02
N THR B 149 16.59 -1.72 -14.68
CA THR B 149 16.30 -2.83 -15.59
C THR B 149 17.06 -3.99 -14.98
N VAL B 150 16.40 -5.14 -14.85
CA VAL B 150 17.00 -6.32 -14.23
C VAL B 150 17.02 -7.43 -15.27
N ALA B 151 18.20 -8.00 -15.47
CA ALA B 151 18.43 -9.09 -16.43
C ALA B 151 19.09 -10.26 -15.66
N TRP B 152 18.78 -11.50 -16.02
CA TRP B 152 19.35 -12.66 -15.37
C TRP B 152 20.19 -13.47 -16.32
N LYS B 153 21.17 -14.21 -15.76
CA LYS B 153 21.97 -15.19 -16.49
C LYS B 153 22.06 -16.44 -15.66
N ALA B 154 22.13 -17.60 -16.32
CA ALA B 154 22.33 -18.91 -15.70
C ALA B 154 23.60 -19.30 -16.41
N ASP B 155 24.72 -19.37 -15.64
CA ASP B 155 26.10 -19.50 -16.12
C ASP B 155 26.29 -18.22 -17.00
N SER B 156 26.53 -18.37 -18.29
CA SER B 156 26.70 -17.21 -19.17
C SER B 156 25.49 -17.07 -20.10
N SER B 157 24.46 -17.90 -19.91
CA SER B 157 23.28 -17.89 -20.75
C SER B 157 22.21 -16.94 -20.26
N PRO B 158 21.81 -15.96 -21.09
CA PRO B 158 20.71 -15.06 -20.70
C PRO B 158 19.40 -15.83 -20.52
N VAL B 159 18.68 -15.53 -19.43
CA VAL B 159 17.41 -16.22 -19.20
C VAL B 159 16.28 -15.18 -19.08
N LYS B 160 15.26 -15.30 -19.95
CA LYS B 160 14.08 -14.43 -20.01
C LYS B 160 12.87 -15.14 -19.35
N ALA B 161 12.66 -16.44 -19.65
CA ALA B 161 11.51 -17.15 -19.09
C ALA B 161 11.68 -17.31 -17.61
N GLY B 162 10.57 -17.28 -16.90
CA GLY B 162 10.56 -17.49 -15.45
C GLY B 162 11.02 -16.29 -14.66
N VAL B 163 11.17 -15.13 -15.31
CA VAL B 163 11.56 -13.90 -14.60
C VAL B 163 10.39 -12.97 -14.34
N GLU B 164 10.31 -12.48 -13.10
CA GLU B 164 9.30 -11.51 -12.67
C GLU B 164 9.99 -10.47 -11.85
N THR B 165 9.66 -9.19 -12.11
CA THR B 165 10.30 -8.07 -11.42
C THR B 165 9.26 -7.03 -10.94
N THR B 166 9.44 -6.50 -9.72
CA THR B 166 8.53 -5.50 -9.19
C THR B 166 8.93 -4.11 -9.66
N THR B 167 7.97 -3.19 -9.70
CA THR B 167 8.26 -1.79 -10.04
C THR B 167 8.86 -1.21 -8.77
N PRO B 168 9.97 -0.46 -8.84
CA PRO B 168 10.58 0.05 -7.60
C PRO B 168 9.62 0.84 -6.73
N SER B 169 9.76 0.74 -5.41
CA SER B 169 8.97 1.55 -4.49
C SER B 169 9.87 1.99 -3.33
N LYS B 170 9.51 3.11 -2.66
CA LYS B 170 10.38 3.68 -1.61
C LYS B 170 10.57 2.87 -0.34
N GLN B 171 11.81 2.94 0.18
CA GLN B 171 12.22 2.39 1.46
C GLN B 171 11.90 3.50 2.47
N SER B 172 12.06 3.21 3.75
CA SER B 172 11.82 4.20 4.79
C SER B 172 12.82 5.38 4.74
N ASN B 173 14.00 5.17 4.11
CA ASN B 173 15.01 6.23 4.00
C ASN B 173 14.86 7.07 2.71
N ASN B 174 13.74 6.90 1.97
CA ASN B 174 13.38 7.63 0.76
C ASN B 174 14.14 7.17 -0.49
N LYS B 175 15.07 6.21 -0.37
CA LYS B 175 15.72 5.64 -1.55
C LYS B 175 14.74 4.53 -2.03
N TYR B 176 14.98 3.95 -3.21
CA TYR B 176 14.10 2.93 -3.76
C TYR B 176 14.66 1.54 -3.59
N ALA B 177 13.76 0.56 -3.60
CA ALA B 177 14.15 -0.86 -3.63
C ALA B 177 13.25 -1.57 -4.63
N ALA B 178 13.71 -2.66 -5.21
CA ALA B 178 12.93 -3.49 -6.12
C ALA B 178 13.32 -4.92 -5.86
N SER B 179 12.55 -5.85 -6.44
CA SER B 179 12.81 -7.27 -6.27
C SER B 179 12.64 -7.94 -7.60
N SER B 180 13.37 -9.05 -7.79
CA SER B 180 13.21 -9.79 -9.04
C SER B 180 13.33 -11.28 -8.68
N TYR B 181 12.62 -12.13 -9.41
CA TYR B 181 12.54 -13.56 -9.17
C TYR B 181 12.89 -14.34 -10.41
N LEU B 182 13.67 -15.42 -10.24
CA LEU B 182 13.96 -16.32 -11.33
C LEU B 182 13.48 -17.72 -10.88
N SER B 183 12.45 -18.26 -11.58
CA SER B 183 11.96 -19.61 -11.31
C SER B 183 12.69 -20.58 -12.24
N LEU B 184 13.17 -21.70 -11.73
CA LEU B 184 13.97 -22.62 -12.52
C LEU B 184 13.35 -23.97 -12.68
N THR B 185 13.68 -24.61 -13.82
CA THR B 185 13.24 -25.97 -14.11
C THR B 185 14.24 -26.92 -13.41
N PRO B 186 13.85 -28.19 -13.10
CA PRO B 186 14.83 -29.10 -12.48
C PRO B 186 16.05 -29.34 -13.37
N GLU B 187 15.92 -29.20 -14.69
CA GLU B 187 17.08 -29.41 -15.56
C GLU B 187 18.01 -28.17 -15.53
N GLN B 188 17.46 -26.96 -15.21
CA GLN B 188 18.30 -25.76 -15.05
C GLN B 188 19.03 -25.90 -13.73
N TRP B 189 18.33 -26.31 -12.65
CA TRP B 189 18.98 -26.44 -11.34
C TRP B 189 20.02 -27.56 -11.28
N LYS B 190 19.82 -28.63 -12.06
CA LYS B 190 20.80 -29.72 -12.08
C LYS B 190 22.05 -29.40 -12.91
N SER B 191 21.95 -28.44 -13.85
CA SER B 191 23.04 -28.18 -14.77
C SER B 191 23.88 -26.92 -14.53
N HIS B 192 23.25 -25.79 -14.15
CA HIS B 192 24.02 -24.55 -13.99
C HIS B 192 24.90 -24.49 -12.74
N ARG B 193 26.07 -23.87 -12.86
CA ARG B 193 26.97 -23.73 -11.71
C ARG B 193 26.80 -22.38 -11.02
N SER B 194 26.24 -21.39 -11.74
CA SER B 194 26.02 -20.06 -11.15
C SER B 194 24.85 -19.34 -11.81
N TYR B 195 24.36 -18.34 -11.10
CA TYR B 195 23.27 -17.50 -11.58
C TYR B 195 23.67 -16.08 -11.30
N SER B 196 23.28 -15.15 -12.16
CA SER B 196 23.62 -13.73 -11.96
C SER B 196 22.40 -12.81 -12.14
N CYS B 197 22.29 -11.78 -11.27
CA CYS B 197 21.22 -10.78 -11.34
C CYS B 197 21.96 -9.50 -11.73
N GLN B 198 21.64 -8.95 -12.93
CA GLN B 198 22.31 -7.76 -13.48
C GLN B 198 21.36 -6.58 -13.42
N VAL B 199 21.74 -5.54 -12.67
CA VAL B 199 20.88 -4.37 -12.50
C VAL B 199 21.46 -3.15 -13.22
N THR B 200 20.70 -2.56 -14.17
CA THR B 200 21.16 -1.37 -14.87
C THR B 200 20.43 -0.17 -14.30
N HIS B 201 21.21 0.83 -13.84
CA HIS B 201 20.63 2.01 -13.24
C HIS B 201 21.40 3.22 -13.74
N GLU B 202 20.68 4.14 -14.46
CA GLU B 202 21.28 5.34 -15.05
C GLU B 202 22.46 4.97 -15.97
N GLY B 203 22.30 3.93 -16.79
CA GLY B 203 23.33 3.51 -17.75
C GLY B 203 24.52 2.72 -17.24
N SER B 204 24.67 2.54 -15.90
CA SER B 204 25.74 1.73 -15.31
C SER B 204 25.12 0.46 -14.74
N THR B 205 25.88 -0.64 -14.69
CA THR B 205 25.35 -1.94 -14.28
C THR B 205 26.02 -2.49 -13.02
N VAL B 206 25.22 -3.03 -12.08
CA VAL B 206 25.70 -3.69 -10.86
C VAL B 206 25.25 -5.16 -10.98
N GLU B 207 26.19 -6.09 -10.95
CA GLU B 207 25.83 -7.52 -11.12
C GLU B 207 26.30 -8.33 -9.91
N LYS B 208 25.42 -9.18 -9.35
CA LYS B 208 25.73 -10.09 -8.23
C LYS B 208 25.57 -11.52 -8.74
N THR B 209 26.50 -12.44 -8.39
CA THR B 209 26.43 -13.83 -8.81
C THR B 209 26.32 -14.71 -7.56
N VAL B 210 25.60 -15.85 -7.66
CA VAL B 210 25.53 -16.83 -6.60
C VAL B 210 25.84 -18.19 -7.22
N ALA B 211 26.60 -19.00 -6.50
CA ALA B 211 26.88 -20.36 -6.97
C ALA B 211 26.31 -21.26 -5.89
N PRO B 212 25.27 -22.07 -6.21
CA PRO B 212 24.65 -22.94 -5.18
C PRO B 212 25.59 -23.82 -4.36
C1 TIQ C . -26.39 11.75 6.87
C2 TIQ C . -24.93 11.52 6.58
C3 TIQ C . -24.19 11.66 7.90
S4 TIQ C . -22.41 11.73 7.64
C5 TIQ C . -22.19 13.47 7.37
N6 TIQ C . -20.92 13.83 7.15
C7 TIQ C . -20.61 15.10 6.89
N8 TIQ C . -19.30 15.53 6.65
C9 TIQ C . -18.38 14.61 5.99
C11 TIQ C . -17.23 13.98 6.72
C12 TIQ C . -16.98 15.07 5.73
C14 TIQ C . -16.29 14.74 4.46
C15 TIQ C . -15.35 15.65 4.02
C16 TIQ C . -14.60 15.47 2.87
C17 TIQ C . -14.80 14.33 2.14
F18 TIQ C . -14.11 14.14 0.99
C19 TIQ C . -15.72 13.40 2.57
F20 TIQ C . -15.92 12.30 1.84
C21 TIQ C . -16.45 13.58 3.72
C22 TIQ C . -21.65 16.02 6.91
N23 TIQ C . -21.70 17.38 6.71
N24 TIQ C . -22.96 17.76 6.83
N25 TIQ C . -23.70 16.68 7.11
C26 TIQ C . -25.14 16.81 7.20
C28 TIQ C . -25.75 16.48 8.54
C29 TIQ C . -27.19 16.14 8.21
O31 TIQ C . -27.56 14.98 8.96
C32 TIQ C . -28.90 15.13 9.38
C33 TIQ C . -29.03 14.96 10.88
O34 TIQ C . -30.41 15.07 11.20
C35 TIQ C . -27.30 15.90 6.71
O37 TIQ C . -28.05 16.97 6.13
C38 TIQ C . -25.87 15.97 6.19
O40 TIQ C . -25.80 16.55 4.90
C41 TIQ C . -22.92 15.55 7.18
N42 TIQ C . -23.26 14.28 7.41
#